data_7OBO
#
_entry.id   7OBO
#
_cell.length_a   112.896
_cell.length_b   112.896
_cell.length_c   101.669
_cell.angle_alpha   90.000
_cell.angle_beta   90.000
_cell.angle_gamma   90.000
#
_symmetry.space_group_name_H-M   'I 41 2 2'
#
loop_
_entity.id
_entity.type
_entity.pdbx_description
1 polymer 'Glutathione transferase'
2 non-polymer '(2~{S})-2-azanyl-5-[[(2~{R})-1-(2-hydroxy-2-oxoethylamino)-3-[(7-nitro-2,1,3-benzoxadiazol-4-yl)sulfanyl]-1-oxidanylidene-propan-2-yl]amino]-5-oxidanylidene-pentanoic acid'
3 water water
#
_entity_poly.entity_id   1
_entity_poly.type   'polypeptide(L)'
_entity_poly.pdbx_seq_one_letter_code
;MAPVKVFGPAMSTNVARVTLCLEEVGAEYEVVNIDFNTMEHKSPEHLARNPFGQIPAFQDGDLLLWESRAISKYVLRKYK
TDEVDLLRESNLEEAAMVDVWTEVDAHTYNPALSPIVYQ(CSS)LFNPMMRGLPTDEKVVAESLEKLKKVLEVYEARLSK
HSYLAGDFVSFADLNHFPYTFYFMATPHAALFDSYPHVKAWWDRLMARPAVKKIAATMVPPKA
;
_entity_poly.pdbx_strand_id   AAA
#
loop_
_chem_comp.id
_chem_comp.type
_chem_comp.name
_chem_comp.formula
V7K non-polymer '(2~{S})-2-azanyl-5-[[(2~{R})-1-(2-hydroxy-2-oxoethylamino)-3-[(7-nitro-2,1,3-benzoxadiazol-4-yl)sulfanyl]-1-oxidanylidene-propan-2-yl]amino]-5-oxidanylidene-pentanoic acid' 'C16 H18 N6 O9 S'
#
# COMPACT_ATOMS: atom_id res chain seq x y z
N ALA A 2 -21.15 2.70 13.31
CA ALA A 2 -20.52 4.09 13.31
C ALA A 2 -19.29 4.12 12.37
N PRO A 3 -19.05 5.25 11.68
CA PRO A 3 -17.77 5.50 11.03
C PRO A 3 -16.60 5.10 11.94
N VAL A 4 -15.70 4.31 11.39
CA VAL A 4 -14.27 4.36 11.82
C VAL A 4 -13.65 5.52 11.04
N LYS A 5 -12.53 6.04 11.53
CA LYS A 5 -11.89 7.26 11.00
C LYS A 5 -10.44 6.98 10.63
N VAL A 6 -10.01 7.51 9.48
CA VAL A 6 -8.60 7.40 8.99
C VAL A 6 -8.06 8.82 8.99
N PHE A 7 -6.95 9.02 9.67
CA PHE A 7 -6.31 10.34 9.80
C PHE A 7 -5.15 10.38 8.83
N GLY A 8 -5.28 11.16 7.75
CA GLY A 8 -4.15 11.63 6.92
C GLY A 8 -4.65 12.15 5.58
N PRO A 9 -3.77 12.68 4.71
CA PRO A 9 -4.20 13.07 3.37
C PRO A 9 -4.47 11.81 2.54
N ALA A 10 -5.51 11.87 1.75
CA ALA A 10 -6.10 10.70 1.04
C ALA A 10 -5.09 10.11 0.03
N MET A 11 -4.29 10.99 -0.59
CA MET A 11 -3.14 10.74 -1.49
C MET A 11 -2.12 9.80 -0.80
N SER A 12 -1.89 9.93 0.49
CA SER A 12 -0.81 9.21 1.20
C SER A 12 -0.90 7.70 0.88
N THR A 13 0.22 7.09 0.48
CA THR A 13 0.38 5.65 0.19
C THR A 13 -0.04 4.82 1.41
N ASN A 14 0.37 5.19 2.61
CA ASN A 14 0.00 4.40 3.83
C ASN A 14 -1.47 4.64 4.20
N VAL A 15 -2.06 5.79 3.90
CA VAL A 15 -3.54 6.00 4.05
C VAL A 15 -4.27 5.06 3.08
N ALA A 16 -3.86 5.08 1.82
CA ALA A 16 -4.43 4.20 0.76
C ALA A 16 -4.36 2.72 1.13
N ARG A 17 -3.30 2.21 1.77
CA ARG A 17 -3.28 0.78 2.24
C ARG A 17 -4.54 0.56 3.11
N VAL A 18 -4.78 1.44 4.08
CA VAL A 18 -5.91 1.35 5.04
C VAL A 18 -7.23 1.53 4.29
N THR A 19 -7.39 2.60 3.49
CA THR A 19 -8.66 2.91 2.80
C THR A 19 -8.99 1.79 1.81
N LEU A 20 -7.97 1.12 1.24
CA LEU A 20 -8.23 0.05 0.28
C LEU A 20 -8.78 -1.11 1.10
N CYS A 21 -8.18 -1.42 2.24
CA CYS A 21 -8.70 -2.55 3.07
C CYS A 21 -10.16 -2.28 3.48
N LEU A 22 -10.53 -1.01 3.67
CA LEU A 22 -11.87 -0.62 4.15
C LEU A 22 -12.88 -0.82 3.01
N GLU A 23 -12.50 -0.40 1.80
CA GLU A 23 -13.38 -0.52 0.61
C GLU A 23 -13.61 -1.98 0.31
N GLU A 24 -12.55 -2.80 0.44
CA GLU A 24 -12.52 -4.25 0.06
C GLU A 24 -13.44 -5.01 1.04
N VAL A 25 -13.69 -4.50 2.25
CA VAL A 25 -14.60 -5.18 3.23
C VAL A 25 -15.95 -4.47 3.31
N GLY A 26 -16.13 -3.34 2.63
CA GLY A 26 -17.38 -2.58 2.59
C GLY A 26 -17.65 -1.87 3.90
N ALA A 27 -16.64 -1.40 4.64
CA ALA A 27 -16.86 -0.70 5.92
C ALA A 27 -17.28 0.76 5.68
N GLU A 28 -18.18 1.30 6.50
CA GLU A 28 -18.40 2.76 6.58
C GLU A 28 -17.19 3.41 7.26
N TYR A 29 -16.58 4.40 6.62
CA TYR A 29 -15.44 5.15 7.17
C TYR A 29 -15.44 6.58 6.63
N GLU A 30 -14.68 7.42 7.30
CA GLU A 30 -14.41 8.84 6.98
C GLU A 30 -12.90 9.05 6.97
N VAL A 31 -12.43 9.91 6.07
CA VAL A 31 -11.01 10.34 6.01
C VAL A 31 -10.95 11.78 6.49
N VAL A 32 -10.31 11.94 7.65
CA VAL A 32 -9.99 13.23 8.33
C VAL A 32 -8.58 13.63 7.87
N ASN A 33 -8.52 14.69 7.08
CA ASN A 33 -7.29 15.22 6.50
C ASN A 33 -6.32 15.56 7.62
N ILE A 34 -5.02 15.39 7.35
CA ILE A 34 -3.97 16.03 8.19
C ILE A 34 -2.99 16.79 7.27
N ASP A 35 -2.80 18.06 7.59
CA ASP A 35 -2.11 19.07 6.77
C ASP A 35 -0.62 19.08 7.15
N PHE A 36 0.22 18.36 6.42
CA PHE A 36 1.69 18.46 6.53
C PHE A 36 2.17 19.90 6.41
N ASN A 37 1.56 20.70 5.55
CA ASN A 37 2.01 22.09 5.35
C ASN A 37 1.92 22.88 6.66
N THR A 38 1.13 22.43 7.64
CA THR A 38 0.83 23.19 8.88
C THR A 38 1.38 22.37 10.06
N MET A 39 2.08 21.29 9.78
CA MET A 39 2.67 20.38 10.81
C MET A 39 1.57 19.74 11.68
N GLU A 40 0.33 19.50 11.18
CA GLU A 40 -0.77 18.92 11.99
C GLU A 40 -0.37 17.53 12.50
N HIS A 41 0.44 16.80 11.74
CA HIS A 41 0.89 15.45 12.10
C HIS A 41 1.72 15.48 13.36
N LYS A 42 2.26 16.62 13.74
CA LYS A 42 2.95 16.81 15.02
C LYS A 42 2.06 17.58 15.99
N SER A 43 0.84 17.98 15.64
CA SER A 43 0.01 18.76 16.63
C SER A 43 -0.20 17.84 17.83
N PRO A 44 -0.44 18.37 19.02
CA PRO A 44 -0.82 17.53 20.18
C PRO A 44 -2.04 16.62 19.95
N GLU A 45 -2.98 17.07 19.14
CA GLU A 45 -4.22 16.29 18.89
C GLU A 45 -3.82 15.09 18.06
N HIS A 46 -2.81 15.23 17.18
CA HIS A 46 -2.40 14.05 16.36
C HIS A 46 -1.51 13.13 17.21
N LEU A 47 -0.73 13.67 18.15
CA LEU A 47 0.21 12.81 18.91
C LEU A 47 -0.56 11.87 19.86
N ALA A 48 -1.75 12.28 20.29
CA ALA A 48 -2.80 11.50 21.01
C ALA A 48 -3.11 10.20 20.28
N ARG A 49 -3.30 10.28 18.95
CA ARG A 49 -3.53 9.18 17.98
C ARG A 49 -2.25 8.41 17.73
N ASN A 50 -1.15 9.09 17.43
CA ASN A 50 0.14 8.45 17.05
C ASN A 50 1.27 9.21 17.69
N PRO A 51 1.87 8.63 18.75
CA PRO A 51 2.80 9.35 19.57
C PRO A 51 4.14 9.56 18.84
N PHE A 52 4.34 8.91 17.68
CA PHE A 52 5.50 9.15 16.81
C PHE A 52 5.17 10.22 15.78
N GLY A 53 3.92 10.68 15.66
CA GLY A 53 3.66 11.94 14.92
C GLY A 53 3.79 11.73 13.42
N GLN A 54 3.16 10.68 12.92
CA GLN A 54 3.21 10.19 11.52
C GLN A 54 1.77 9.84 11.15
N ILE A 55 1.40 9.95 9.88
CA ILE A 55 0.13 9.40 9.32
C ILE A 55 0.42 8.07 8.65
N PRO A 56 -0.57 7.15 8.54
CA PRO A 56 -1.90 7.35 9.12
C PRO A 56 -2.08 7.02 10.62
N ALA A 57 -3.16 7.57 11.21
CA ALA A 57 -3.72 7.04 12.45
C ALA A 57 -5.14 6.57 12.14
N PHE A 58 -5.73 5.84 13.09
CA PHE A 58 -7.07 5.26 12.93
C PHE A 58 -7.79 5.26 14.27
N GLN A 59 -9.09 5.61 14.21
CA GLN A 59 -9.96 5.61 15.41
C GLN A 59 -11.19 4.76 15.11
N ASP A 60 -11.35 3.69 15.88
CA ASP A 60 -12.64 2.94 15.95
C ASP A 60 -13.23 3.13 17.36
N GLY A 61 -14.21 4.04 17.51
CA GLY A 61 -14.80 4.43 18.81
C GLY A 61 -13.74 4.99 19.75
N ASP A 62 -13.32 4.23 20.76
CA ASP A 62 -12.31 4.65 21.75
C ASP A 62 -10.93 4.15 21.35
N LEU A 63 -10.86 3.28 20.36
CA LEU A 63 -9.61 2.62 19.94
C LEU A 63 -8.86 3.50 18.95
N LEU A 64 -7.59 3.75 19.27
CA LEU A 64 -6.68 4.60 18.48
C LEU A 64 -5.54 3.73 18.00
N LEU A 65 -5.33 3.62 16.70
CA LEU A 65 -4.31 2.73 16.11
C LEU A 65 -3.42 3.58 15.21
N TRP A 66 -2.14 3.23 15.09
CA TRP A 66 -1.19 3.70 14.02
C TRP A 66 -0.42 2.51 13.41
N GLU A 67 0.48 2.75 12.42
CA GLU A 67 1.14 1.75 11.53
C GLU A 67 0.10 1.12 10.61
N SER A 68 0.06 1.60 9.36
CA SER A 68 -0.93 1.18 8.32
C SER A 68 -1.15 -0.32 8.26
N ARG A 69 -0.19 -1.14 8.63
CA ARG A 69 -0.43 -2.60 8.40
C ARG A 69 -1.22 -3.19 9.56
N ALA A 70 -0.95 -2.72 10.77
CA ALA A 70 -1.68 -3.04 12.02
C ALA A 70 -3.12 -2.61 11.88
N ILE A 71 -3.32 -1.36 11.46
CA ILE A 71 -4.67 -0.80 11.19
C ILE A 71 -5.36 -1.77 10.28
N SER A 72 -4.69 -2.13 9.20
CA SER A 72 -5.24 -2.87 8.04
C SER A 72 -5.74 -4.21 8.50
N LYS A 73 -4.92 -4.91 9.27
CA LYS A 73 -5.27 -6.24 9.80
C LYS A 73 -6.44 -6.09 10.77
N TYR A 74 -6.49 -5.04 11.60
CA TYR A 74 -7.68 -4.81 12.45
C TYR A 74 -8.91 -4.67 11.55
N VAL A 75 -8.91 -3.83 10.51
CA VAL A 75 -10.08 -3.71 9.58
C VAL A 75 -10.41 -5.10 9.00
N LEU A 76 -9.41 -5.85 8.53
CA LEU A 76 -9.71 -7.12 7.81
C LEU A 76 -10.25 -8.10 8.84
N ARG A 77 -9.87 -8.03 10.13
CA ARG A 77 -10.35 -9.08 11.07
C ARG A 77 -11.79 -8.71 11.46
N LYS A 78 -12.03 -7.44 11.75
CA LYS A 78 -13.29 -6.95 12.34
C LYS A 78 -14.42 -7.16 11.33
N TYR A 79 -14.17 -6.86 10.06
CA TYR A 79 -15.19 -6.89 8.98
C TYR A 79 -15.11 -8.16 8.13
N LYS A 80 -14.30 -9.14 8.53
CA LYS A 80 -14.18 -10.49 7.91
C LYS A 80 -15.61 -11.07 7.72
N THR A 81 -16.00 -11.33 6.47
CA THR A 81 -17.11 -12.24 6.07
C THR A 81 -16.53 -13.53 5.47
N ASP A 82 -17.35 -14.57 5.30
CA ASP A 82 -16.93 -15.79 4.54
C ASP A 82 -16.47 -15.37 3.15
N GLU A 83 -17.18 -14.42 2.54
CA GLU A 83 -16.92 -13.92 1.17
C GLU A 83 -15.65 -13.05 1.12
N VAL A 84 -15.18 -12.46 2.25
CA VAL A 84 -13.93 -11.65 2.24
C VAL A 84 -13.05 -12.03 3.46
N ASP A 85 -12.17 -13.02 3.27
CA ASP A 85 -11.08 -13.50 4.16
C ASP A 85 -9.76 -13.22 3.42
N LEU A 86 -9.29 -11.97 3.51
CA LEU A 86 -8.04 -11.50 2.86
C LEU A 86 -6.84 -11.82 3.74
N LEU A 87 -7.02 -12.48 4.89
CA LEU A 87 -5.91 -12.86 5.81
C LEU A 87 -5.83 -14.37 5.92
N ARG A 88 -6.91 -15.09 5.62
CA ARG A 88 -6.82 -16.56 5.50
C ARG A 88 -6.41 -17.13 6.86
N GLU A 89 -6.87 -16.52 7.97
CA GLU A 89 -6.58 -16.99 9.34
C GLU A 89 -7.28 -18.34 9.59
N SER A 90 -8.32 -18.65 8.81
CA SER A 90 -8.95 -19.98 8.85
C SER A 90 -7.99 -21.05 8.36
N ASN A 91 -6.86 -20.70 7.71
CA ASN A 91 -5.96 -21.73 7.13
C ASN A 91 -4.50 -21.36 7.40
N LEU A 92 -3.80 -22.17 8.18
CA LEU A 92 -2.49 -21.83 8.80
C LEU A 92 -1.40 -21.66 7.72
N GLU A 93 -1.41 -22.55 6.72
CA GLU A 93 -0.44 -22.52 5.61
C GLU A 93 -0.77 -21.29 4.77
N GLU A 94 -2.04 -21.08 4.41
CA GLU A 94 -2.46 -19.90 3.63
C GLU A 94 -2.14 -18.63 4.41
N ALA A 95 -2.47 -18.58 5.71
CA ALA A 95 -2.17 -17.34 6.50
C ALA A 95 -0.65 -17.10 6.45
N ALA A 96 0.15 -18.18 6.45
CA ALA A 96 1.63 -18.10 6.39
C ALA A 96 2.07 -17.44 5.07
N MET A 97 1.52 -17.87 3.94
CA MET A 97 1.92 -17.32 2.61
C MET A 97 1.52 -15.83 2.55
N VAL A 98 0.32 -15.45 3.00
CA VAL A 98 -0.07 -14.00 3.12
C VAL A 98 0.97 -13.23 3.96
N ASP A 99 1.42 -13.76 5.09
CA ASP A 99 2.47 -13.18 5.96
C ASP A 99 3.79 -13.02 5.20
N VAL A 100 4.23 -14.05 4.54
CA VAL A 100 5.57 -14.06 3.88
C VAL A 100 5.58 -12.87 2.93
N TRP A 101 4.54 -12.73 2.13
CA TRP A 101 4.56 -11.78 0.98
C TRP A 101 4.22 -10.37 1.42
N THR A 102 3.58 -10.24 2.60
CA THR A 102 3.36 -8.93 3.27
C THR A 102 4.73 -8.49 3.80
N GLU A 103 5.50 -9.38 4.41
CA GLU A 103 6.89 -9.07 4.84
C GLU A 103 7.78 -8.75 3.63
N VAL A 104 7.62 -9.45 2.50
CA VAL A 104 8.48 -9.23 1.28
C VAL A 104 8.22 -7.83 0.74
N ASP A 105 6.94 -7.41 0.71
CA ASP A 105 6.53 -6.03 0.32
C ASP A 105 7.29 -5.02 1.17
N ALA A 106 7.38 -5.26 2.47
CA ALA A 106 7.91 -4.27 3.42
C ALA A 106 9.44 -4.33 3.40
N HIS A 107 10.05 -5.51 3.23
CA HIS A 107 11.53 -5.63 3.49
C HIS A 107 12.38 -5.77 2.22
N THR A 108 11.77 -6.11 1.10
CA THR A 108 12.45 -6.43 -0.15
C THR A 108 11.90 -5.55 -1.27
N TYR A 109 10.61 -5.64 -1.58
CA TYR A 109 9.98 -4.91 -2.71
C TYR A 109 9.87 -3.40 -2.43
N ASN A 110 9.23 -2.95 -1.35
CA ASN A 110 9.06 -1.49 -1.14
C ASN A 110 10.41 -0.81 -1.07
N PRO A 111 11.43 -1.32 -0.33
CA PRO A 111 12.71 -0.63 -0.27
C PRO A 111 13.40 -0.49 -1.63
N ALA A 112 13.05 -1.29 -2.63
CA ALA A 112 13.66 -1.16 -3.97
C ALA A 112 12.80 -0.24 -4.84
N LEU A 113 11.46 -0.29 -4.75
CA LEU A 113 10.51 0.53 -5.56
C LEU A 113 10.38 1.99 -5.03
N SER A 114 10.08 2.14 -3.74
CA SER A 114 9.70 3.42 -3.09
C SER A 114 10.72 4.51 -3.40
N PRO A 115 12.04 4.31 -3.39
CA PRO A 115 12.91 5.44 -3.64
C PRO A 115 12.79 5.98 -5.08
N ILE A 116 12.29 5.18 -6.01
CA ILE A 116 12.05 5.64 -7.40
C ILE A 116 10.80 6.56 -7.38
N VAL A 117 9.79 6.22 -6.59
CA VAL A 117 8.59 7.04 -6.41
C VAL A 117 8.99 8.36 -5.73
N TYR A 118 9.81 8.22 -4.72
CA TYR A 118 10.27 9.32 -3.85
C TYR A 118 11.14 10.26 -4.71
N GLN A 119 12.09 9.74 -5.46
CA GLN A 119 13.02 10.54 -6.26
C GLN A 119 12.36 11.13 -7.51
N CSS A 120 11.57 10.35 -8.23
CA CSS A 120 11.07 10.76 -9.53
CB CSS A 120 10.90 9.56 -10.49
SG CSS A 120 12.41 8.70 -11.08
SD CSS A 120 13.16 9.88 -12.60
C CSS A 120 9.79 11.59 -9.36
O CSS A 120 9.48 12.43 -10.18
H CSS A 120 11.31 9.44 -7.87
HA CSS A 120 11.75 11.34 -9.94
HB2 CSS A 120 10.40 9.88 -11.27
HB3 CSS A 120 10.34 8.88 -10.02
HD CSS A 120 14.16 9.36 -13.05
N LEU A 121 9.06 11.37 -8.28
CA LEU A 121 7.73 11.91 -8.17
C LEU A 121 7.59 12.81 -6.93
N PHE A 122 7.70 12.25 -5.70
CA PHE A 122 7.38 12.93 -4.42
C PHE A 122 8.42 14.04 -4.13
N ASN A 123 9.60 14.05 -4.75
CA ASN A 123 10.61 15.08 -4.47
C ASN A 123 10.34 16.29 -5.37
N PRO A 124 10.35 16.16 -6.73
CA PRO A 124 10.05 17.30 -7.59
C PRO A 124 8.63 17.87 -7.38
N MET A 125 7.60 17.03 -7.43
CA MET A 125 6.15 17.40 -7.44
C MET A 125 5.71 17.86 -6.04
N MET A 126 6.07 17.15 -4.97
CA MET A 126 5.63 17.52 -3.59
C MET A 126 6.59 18.57 -3.02
N ARG A 127 7.84 18.19 -2.81
CA ARG A 127 8.80 18.91 -1.95
C ARG A 127 9.48 20.05 -2.71
N GLY A 128 9.85 19.88 -3.99
CA GLY A 128 10.61 20.86 -4.78
C GLY A 128 12.11 20.57 -4.85
N LEU A 129 12.62 19.54 -4.13
CA LEU A 129 14.05 19.10 -4.10
C LEU A 129 14.30 18.21 -5.33
N PRO A 130 15.54 18.09 -5.85
CA PRO A 130 15.74 17.39 -7.14
C PRO A 130 15.77 15.83 -7.09
N THR A 131 15.90 15.18 -8.27
CA THR A 131 15.94 13.69 -8.43
C THR A 131 17.41 13.20 -8.43
N ASP A 132 17.74 12.39 -7.41
CA ASP A 132 19.06 11.72 -7.25
C ASP A 132 19.15 10.57 -8.27
N GLU A 133 19.88 10.76 -9.36
CA GLU A 133 19.85 9.83 -10.52
CA GLU A 133 19.87 9.83 -10.52
C GLU A 133 20.64 8.56 -10.15
N LYS A 134 21.48 8.65 -9.12
CA LYS A 134 22.30 7.52 -8.60
C LYS A 134 21.41 6.70 -7.65
N VAL A 135 20.55 7.32 -6.87
CA VAL A 135 19.59 6.52 -6.08
C VAL A 135 18.67 5.79 -7.06
N VAL A 136 18.32 6.44 -8.17
CA VAL A 136 17.33 5.86 -9.11
C VAL A 136 17.98 4.66 -9.80
N ALA A 137 19.19 4.81 -10.33
CA ALA A 137 19.80 3.76 -11.19
C ALA A 137 20.00 2.49 -10.35
N GLU A 138 20.27 2.69 -9.07
CA GLU A 138 20.64 1.65 -8.12
C GLU A 138 19.37 0.94 -7.71
N SER A 139 18.33 1.66 -7.32
CA SER A 139 17.05 1.05 -6.93
C SER A 139 16.44 0.31 -8.13
N LEU A 140 16.63 0.80 -9.35
CA LEU A 140 16.04 0.21 -10.58
C LEU A 140 16.69 -1.17 -10.81
N GLU A 141 18.01 -1.26 -10.71
CA GLU A 141 18.75 -2.54 -10.85
C GLU A 141 18.25 -3.50 -9.78
N LYS A 142 18.13 -3.06 -8.52
CA LYS A 142 17.58 -3.88 -7.44
C LYS A 142 16.16 -4.33 -7.75
N LEU A 143 15.34 -3.41 -8.21
CA LEU A 143 13.92 -3.73 -8.48
C LEU A 143 13.82 -4.71 -9.62
N LYS A 144 14.64 -4.60 -10.68
CA LYS A 144 14.68 -5.63 -11.74
C LYS A 144 14.85 -7.02 -11.10
N LYS A 145 15.81 -7.18 -10.18
CA LYS A 145 16.09 -8.51 -9.60
C LYS A 145 14.90 -8.97 -8.73
N VAL A 146 14.24 -8.05 -8.03
CA VAL A 146 13.09 -8.39 -7.17
C VAL A 146 11.98 -8.87 -8.11
N LEU A 147 11.79 -8.20 -9.25
CA LEU A 147 10.66 -8.54 -10.16
C LEU A 147 10.93 -9.89 -10.88
N GLU A 148 12.14 -10.40 -10.90
CA GLU A 148 12.46 -11.72 -11.47
C GLU A 148 11.84 -12.81 -10.60
N VAL A 149 11.94 -12.63 -9.29
CA VAL A 149 11.32 -13.55 -8.29
C VAL A 149 9.79 -13.40 -8.28
N TYR A 150 9.27 -12.19 -8.44
CA TYR A 150 7.79 -11.99 -8.55
C TYR A 150 7.28 -12.66 -9.82
N GLU A 151 7.98 -12.44 -10.92
CA GLU A 151 7.64 -13.07 -12.22
C GLU A 151 7.54 -14.60 -12.08
N ALA A 152 8.48 -15.26 -11.40
CA ALA A 152 8.47 -16.71 -11.15
C ALA A 152 7.24 -17.01 -10.33
N ARG A 153 7.04 -16.26 -9.25
CA ARG A 153 5.93 -16.58 -8.32
C ARG A 153 4.63 -16.47 -9.10
N LEU A 154 4.50 -15.45 -9.93
CA LEU A 154 3.15 -15.10 -10.45
C LEU A 154 2.90 -15.82 -11.76
N SER A 155 3.80 -16.72 -12.16
CA SER A 155 3.55 -17.60 -13.33
C SER A 155 3.03 -18.94 -12.82
N LYS A 156 3.12 -19.22 -11.50
CA LYS A 156 2.54 -20.43 -10.84
C LYS A 156 1.22 -20.13 -10.15
N HIS A 157 1.08 -18.96 -9.56
CA HIS A 157 -0.12 -18.61 -8.76
C HIS A 157 -0.64 -17.29 -9.34
N SER A 158 -1.95 -17.13 -9.40
CA SER A 158 -2.57 -15.88 -9.86
C SER A 158 -2.22 -14.73 -8.90
N TYR A 159 -2.05 -15.02 -7.61
CA TYR A 159 -1.72 -13.99 -6.60
C TYR A 159 -0.54 -14.48 -5.74
N LEU A 160 0.05 -13.61 -4.92
CA LEU A 160 1.38 -13.90 -4.30
C LEU A 160 1.19 -14.98 -3.26
N ALA A 161 0.04 -14.97 -2.61
CA ALA A 161 -0.33 -15.84 -1.48
C ALA A 161 -0.67 -17.25 -2.01
N GLY A 162 -1.14 -17.31 -3.26
CA GLY A 162 -1.68 -18.53 -3.91
C GLY A 162 -2.71 -18.10 -4.93
N ASP A 163 -3.73 -18.89 -5.15
CA ASP A 163 -4.73 -18.65 -6.22
C ASP A 163 -5.93 -17.84 -5.66
N PHE A 164 -5.68 -17.00 -4.64
CA PHE A 164 -6.69 -16.12 -4.01
C PHE A 164 -6.05 -14.76 -3.74
N VAL A 165 -6.78 -13.70 -4.11
CA VAL A 165 -6.36 -12.31 -3.79
C VAL A 165 -6.20 -12.23 -2.27
N SER A 166 -5.30 -11.43 -1.74
CA SER A 166 -5.13 -11.38 -0.27
C SER A 166 -4.52 -10.04 0.11
N PHE A 167 -4.26 -9.87 1.40
CA PHE A 167 -3.65 -8.67 2.00
C PHE A 167 -2.28 -8.49 1.35
N ALA A 168 -1.59 -9.60 1.06
CA ALA A 168 -0.25 -9.57 0.43
C ALA A 168 -0.30 -8.68 -0.81
N ASP A 169 -1.27 -8.90 -1.67
CA ASP A 169 -1.42 -8.23 -2.97
C ASP A 169 -1.80 -6.79 -2.65
N LEU A 170 -2.73 -6.60 -1.72
CA LEU A 170 -3.25 -5.24 -1.45
C LEU A 170 -2.10 -4.37 -0.98
N ASN A 171 -1.21 -4.93 -0.18
CA ASN A 171 -0.01 -4.22 0.33
C ASN A 171 0.79 -3.55 -0.80
N HIS A 172 0.84 -4.14 -1.99
CA HIS A 172 1.73 -3.70 -3.10
C HIS A 172 1.02 -2.57 -3.84
N PHE A 173 -0.27 -2.36 -3.66
CA PHE A 173 -0.98 -1.47 -4.61
C PHE A 173 -0.49 -0.02 -4.50
N PRO A 174 -0.50 0.58 -3.28
CA PRO A 174 -0.33 2.04 -3.16
C PRO A 174 0.98 2.61 -3.73
N TYR A 175 2.14 2.11 -3.30
CA TYR A 175 3.42 2.60 -3.83
C TYR A 175 3.56 2.21 -5.32
N THR A 176 3.04 1.05 -5.72
CA THR A 176 3.19 0.61 -7.12
C THR A 176 2.35 1.56 -7.97
N PHE A 177 1.18 2.00 -7.47
CA PHE A 177 0.30 2.93 -8.25
C PHE A 177 1.10 4.18 -8.58
N TYR A 178 1.85 4.70 -7.62
CA TYR A 178 2.66 5.92 -7.87
C TYR A 178 3.86 5.58 -8.77
N PHE A 179 4.43 4.39 -8.65
CA PHE A 179 5.49 3.96 -9.57
C PHE A 179 5.01 4.08 -11.02
N MET A 180 3.75 3.68 -11.24
CA MET A 180 3.10 3.71 -12.58
C MET A 180 2.88 5.14 -13.10
N ALA A 181 3.10 6.17 -12.28
CA ALA A 181 3.00 7.55 -12.77
C ALA A 181 4.41 8.10 -13.03
N THR A 182 5.47 7.31 -12.82
CA THR A 182 6.87 7.75 -13.08
C THR A 182 7.18 7.50 -14.56
N PRO A 183 8.31 8.02 -15.08
CA PRO A 183 8.83 7.58 -16.38
C PRO A 183 9.23 6.09 -16.48
N HIS A 184 9.33 5.36 -15.36
CA HIS A 184 9.84 3.96 -15.40
C HIS A 184 8.70 2.93 -15.37
N ALA A 185 7.45 3.37 -15.54
CA ALA A 185 6.25 2.50 -15.42
C ALA A 185 6.35 1.30 -16.37
N ALA A 186 6.91 1.51 -17.57
CA ALA A 186 6.99 0.49 -18.63
C ALA A 186 7.87 -0.67 -18.16
N LEU A 187 8.68 -0.48 -17.13
CA LEU A 187 9.51 -1.58 -16.58
C LEU A 187 8.65 -2.85 -16.38
N PHE A 188 7.39 -2.72 -15.96
CA PHE A 188 6.55 -3.90 -15.63
C PHE A 188 6.25 -4.69 -16.89
N ASP A 189 6.26 -4.00 -18.02
CA ASP A 189 5.96 -4.67 -19.30
C ASP A 189 7.04 -5.74 -19.56
N SER A 190 8.22 -5.69 -18.93
CA SER A 190 9.29 -6.70 -19.17
C SER A 190 9.00 -7.97 -18.35
N TYR A 191 7.99 -7.93 -17.47
CA TYR A 191 7.60 -9.04 -16.57
C TYR A 191 6.12 -9.31 -16.79
N PRO A 192 5.78 -10.07 -17.89
CA PRO A 192 4.41 -10.19 -18.37
C PRO A 192 3.44 -10.73 -17.30
N HIS A 193 3.89 -11.59 -16.41
CA HIS A 193 3.02 -12.16 -15.35
C HIS A 193 2.86 -11.14 -14.23
N VAL A 194 3.92 -10.46 -13.83
CA VAL A 194 3.79 -9.36 -12.84
C VAL A 194 2.78 -8.35 -13.39
N LYS A 195 2.87 -7.98 -14.67
CA LYS A 195 1.98 -7.00 -15.32
C LYS A 195 0.52 -7.48 -15.23
N ALA A 196 0.27 -8.73 -15.68
CA ALA A 196 -1.08 -9.32 -15.72
C ALA A 196 -1.68 -9.26 -14.31
N TRP A 197 -0.92 -9.64 -13.30
CA TRP A 197 -1.30 -9.55 -11.87
C TRP A 197 -1.63 -8.10 -11.46
N TRP A 198 -0.81 -7.15 -11.89
CA TRP A 198 -1.05 -5.70 -11.65
C TRP A 198 -2.38 -5.26 -12.31
N ASP A 199 -2.63 -5.61 -13.56
CA ASP A 199 -3.87 -5.22 -14.26
C ASP A 199 -5.09 -5.84 -13.56
N ARG A 200 -4.97 -7.06 -13.03
CA ARG A 200 -6.08 -7.75 -12.31
C ARG A 200 -6.40 -6.95 -11.05
N LEU A 201 -5.39 -6.37 -10.47
CA LEU A 201 -5.53 -5.63 -9.20
C LEU A 201 -6.20 -4.29 -9.54
N MET A 202 -5.75 -3.66 -10.62
CA MET A 202 -6.25 -2.34 -11.09
C MET A 202 -7.71 -2.42 -11.54
N ALA A 203 -8.24 -3.64 -11.78
CA ALA A 203 -9.59 -3.89 -12.33
C ALA A 203 -10.59 -4.05 -11.19
N ARG A 204 -10.11 -4.29 -9.96
CA ARG A 204 -10.97 -4.57 -8.76
C ARG A 204 -11.66 -3.28 -8.37
N PRO A 205 -12.98 -3.33 -8.10
CA PRO A 205 -13.74 -2.10 -7.86
C PRO A 205 -13.13 -1.29 -6.71
N ALA A 206 -12.72 -1.94 -5.63
CA ALA A 206 -12.19 -1.29 -4.42
C ALA A 206 -10.90 -0.55 -4.80
N VAL A 207 -10.08 -1.08 -5.71
CA VAL A 207 -8.80 -0.44 -6.13
C VAL A 207 -9.06 0.76 -7.04
N LYS A 208 -10.06 0.67 -7.91
CA LYS A 208 -10.38 1.77 -8.84
C LYS A 208 -10.85 2.97 -8.02
N LYS A 209 -11.50 2.70 -6.89
CA LYS A 209 -12.13 3.74 -6.05
C LYS A 209 -10.98 4.43 -5.31
N ILE A 210 -10.06 3.69 -4.72
CA ILE A 210 -8.91 4.32 -4.02
C ILE A 210 -7.96 5.01 -5.03
N ALA A 211 -7.69 4.38 -6.19
CA ALA A 211 -6.92 4.98 -7.29
C ALA A 211 -7.45 6.39 -7.52
N ALA A 212 -8.76 6.51 -7.71
CA ALA A 212 -9.50 7.79 -7.79
C ALA A 212 -9.12 8.79 -6.66
N THR A 213 -8.81 8.35 -5.43
CA THR A 213 -8.50 9.26 -4.28
C THR A 213 -7.02 9.69 -4.28
N MET A 214 -6.18 9.05 -5.08
CA MET A 214 -4.70 9.24 -5.05
C MET A 214 -4.28 10.20 -6.16
N VAL A 215 -4.79 11.42 -6.12
CA VAL A 215 -4.49 12.61 -6.98
C VAL A 215 -4.22 13.73 -5.98
N PRO A 216 -3.62 14.89 -6.37
CA PRO A 216 -3.89 16.14 -5.64
C PRO A 216 -5.18 16.75 -6.18
O8 V7K B . 1.98 3.69 8.66
C15 V7K B . 2.99 3.13 8.21
O7 V7K B . 2.82 2.19 7.27
C V7K B . 4.35 3.55 8.73
N V7K B . 5.39 2.49 8.72
C1 V7K B . 4.87 4.68 7.85
C2 V7K B . 4.16 6.02 8.12
C3 V7K B . 4.84 7.13 7.32
O6 V7K B . 5.98 6.96 6.90
N1 V7K B . 4.19 8.29 7.19
C4 V7K B . 4.75 9.55 6.69
C12 V7K B . 4.85 10.55 7.85
O5 V7K B . 3.84 10.86 8.46
N5 V7K B . 6.03 11.11 8.17
C13 V7K B . 6.17 12.32 8.91
C14 V7K B . 7.33 12.26 9.84
O4 V7K B . 7.70 13.26 10.45
O3 V7K B . 7.93 11.09 10.02
C5 V7K B . 3.88 10.17 5.58
S V7K B . 4.90 11.40 4.80
C6 V7K B . 4.37 12.83 4.01
C11 V7K B . 3.08 12.93 3.27
N4 V7K B . 2.05 12.09 3.02
O2 V7K B . 1.20 12.83 2.30
N3 V7K B . 1.55 14.08 2.02
C10 V7K B . 2.76 14.23 2.61
C9 V7K B . 3.73 15.35 2.71
N2 V7K B . 3.40 16.57 2.09
O1 V7K B . 2.05 16.90 1.81
O V7K B . 4.42 17.45 1.75
C8 V7K B . 4.93 15.17 3.42
C7 V7K B . 5.22 13.95 4.04
H17 V7K B . 1.88 2.06 7.09
H V7K B . 4.24 3.95 9.75
H2 V7K B . 5.70 2.32 7.74
H3 V7K B . 5.00 1.62 9.10
H5 V7K B . 5.94 4.79 8.04
H4 V7K B . 4.75 4.41 6.80
H7 V7K B . 3.11 5.93 7.81
H6 V7K B . 4.19 6.26 9.18
H8 V7K B . 3.25 8.34 7.56
H1 V7K B . 5.75 9.36 6.28
H13 V7K B . 6.87 10.79 7.70
H14 V7K B . 5.26 12.53 9.49
H15 V7K B . 6.32 13.16 8.22
H16 V7K B . 7.48 10.42 9.47
H10 V7K B . 3.59 9.41 4.86
H9 V7K B . 2.99 10.63 5.99
H12 V7K B . 5.63 15.98 3.49
H11 V7K B . 6.17 13.87 4.56
#